data_2QAB
#
_entry.id   2QAB
#
_cell.length_a   55.824
_cell.length_b   83.080
_cell.length_c   58.304
_cell.angle_alpha   90.000
_cell.angle_beta   109.130
_cell.angle_gamma   90.000
#
_symmetry.space_group_name_H-M   'P 1 21 1'
#
loop_
_entity.id
_entity.type
_entity.pdbx_description
1 polymer 'Estrogen receptor'
2 polymer 'nuclear receptor coactivator 2'
3 non-polymer 3-ETHYL-2-(4-HYDROXYPHENYL)-2H-INDAZOL-5-OL
4 water water
#
loop_
_entity_poly.entity_id
_entity_poly.type
_entity_poly.pdbx_seq_one_letter_code
_entity_poly.pdbx_strand_id
1 'polypeptide(L)'
;SIKRSKKNSLALSLTADQMVSALLDAEPPILYSEYDPTRPFSEASMMGLLTNLADRELVHMINWAKRVPGFVDLTLHDQV
HLLECAWLEILMIGLVWRSMEHPGKLLFAPNLLLDRNQGKCVEGMVEIFDMLLATSSRFRMMNLQGEEFVCLKSIILLNS
GVYTFLSSTLKSLEEKDHIHRVLDKITDTLIHLMAKAGLTLQQQHQRLAQLLLILSHIRHMSNKGMEHLYSMKCKNVVPL
SDLLLEMLDAHRLHAPTS
;
A,B
2 'polypeptide(L)' KHKILHRLLQDSS C,D
#
loop_
_chem_comp.id
_chem_comp.type
_chem_comp.name
_chem_comp.formula
EI1 non-polymer 3-ETHYL-2-(4-HYDROXYPHENYL)-2H-INDAZOL-5-OL 'C15 H14 N2 O2'
#
# COMPACT_ATOMS: atom_id res chain seq x y z
N SER A 9 28.48 9.12 5.50
CA SER A 9 27.16 9.18 6.20
C SER A 9 27.18 8.29 7.43
N LEU A 10 26.67 8.82 8.54
CA LEU A 10 26.83 8.16 9.84
C LEU A 10 25.79 7.09 10.16
N ALA A 11 24.64 7.17 9.49
CA ALA A 11 23.56 6.21 9.71
C ALA A 11 23.87 4.86 9.09
N LEU A 12 24.75 4.86 8.10
CA LEU A 12 25.12 3.63 7.40
C LEU A 12 26.01 2.71 8.26
N SER A 13 26.59 3.28 9.32
CA SER A 13 27.53 2.53 10.16
C SER A 13 26.96 2.08 11.52
N LEU A 14 25.71 2.46 11.80
CA LEU A 14 25.02 1.99 13.00
C LEU A 14 24.98 0.48 13.03
N THR A 15 25.01 -0.10 14.22
CA THR A 15 24.76 -1.54 14.35
C THR A 15 23.24 -1.72 14.46
N ALA A 16 22.79 -2.97 14.32
CA ALA A 16 21.38 -3.29 14.50
C ALA A 16 20.85 -2.83 15.88
N ASP A 17 21.56 -3.21 16.94
CA ASP A 17 21.22 -2.74 18.30
C ASP A 17 21.13 -1.21 18.41
N GLN A 18 22.00 -0.52 17.68
CA GLN A 18 22.10 0.93 17.74
C GLN A 18 21.05 1.62 16.88
N MET A 19 20.53 0.92 15.88
CA MET A 19 19.42 1.42 15.09
C MET A 19 18.17 1.44 15.95
N VAL A 20 17.90 0.31 16.62
CA VAL A 20 16.77 0.18 17.54
C VAL A 20 16.79 1.24 18.63
N SER A 21 17.93 1.33 19.32
CA SER A 21 18.12 2.32 20.38
C SER A 21 17.76 3.71 19.92
N ALA A 22 18.27 4.07 18.74
CA ALA A 22 18.05 5.39 18.16
C ALA A 22 16.57 5.65 17.84
N LEU A 23 15.93 4.65 17.24
CA LEU A 23 14.51 4.73 16.88
C LEU A 23 13.65 4.79 18.13
N LEU A 24 13.97 3.96 19.12
CA LEU A 24 13.26 3.96 20.39
C LEU A 24 13.39 5.31 21.08
N ASP A 25 14.58 5.91 20.99
CA ASP A 25 14.83 7.20 21.61
C ASP A 25 14.06 8.34 20.91
N ALA A 26 13.95 8.23 19.59
CA ALA A 26 13.33 9.27 18.77
C ALA A 26 11.81 9.29 18.87
N GLU A 27 11.23 8.28 19.50
CA GLU A 27 9.77 8.17 19.60
C GLU A 27 9.12 9.43 20.12
N PRO A 28 8.06 9.89 19.44
CA PRO A 28 7.32 11.04 19.93
C PRO A 28 6.48 10.70 21.15
N PRO A 29 6.06 11.71 21.92
CA PRO A 29 5.24 11.46 23.09
C PRO A 29 3.83 11.07 22.70
N ILE A 30 3.10 10.44 23.62
CA ILE A 30 1.69 10.20 23.42
C ILE A 30 0.87 11.41 23.87
N LEU A 31 0.28 12.12 22.91
CA LEU A 31 -0.48 13.34 23.20
C LEU A 31 -1.90 13.07 23.69
N TYR A 32 -2.39 13.97 24.52
CA TYR A 32 -3.77 13.89 25.00
C TYR A 32 -4.67 14.70 24.09
N SER A 33 -5.97 14.37 24.06
CA SER A 33 -6.84 15.26 23.32
C SER A 33 -7.44 16.28 24.28
N GLU A 34 -8.08 17.33 23.74
CA GLU A 34 -8.66 18.37 24.58
C GLU A 34 -10.02 17.93 25.12
N TYR A 35 -10.70 17.11 24.34
CA TYR A 35 -12.00 16.53 24.70
C TYR A 35 -12.41 16.69 26.17
N ASP A 36 -13.51 17.41 26.38
CA ASP A 36 -14.18 17.44 27.67
C ASP A 36 -15.18 16.30 27.71
N PRO A 37 -14.86 15.24 28.48
CA PRO A 37 -15.64 14.00 28.51
C PRO A 37 -16.92 14.11 29.33
N THR A 38 -17.32 15.34 29.66
CA THR A 38 -18.58 15.57 30.38
C THR A 38 -19.72 15.80 29.39
N ARG A 39 -19.35 16.03 28.12
CA ARG A 39 -20.34 16.25 27.07
C ARG A 39 -20.19 15.23 25.94
N PRO A 40 -21.31 14.75 25.38
CA PRO A 40 -21.32 13.79 24.27
C PRO A 40 -20.89 14.41 22.93
N PHE A 41 -20.68 13.57 21.93
CA PHE A 41 -20.11 14.00 20.66
C PHE A 41 -21.14 14.54 19.66
N SER A 42 -20.68 15.43 18.79
CA SER A 42 -21.38 15.72 17.55
C SER A 42 -20.42 15.36 16.41
N GLU A 43 -20.90 15.44 15.18
CA GLU A 43 -20.03 15.18 14.04
C GLU A 43 -18.90 16.22 14.00
N ALA A 44 -19.25 17.47 14.28
CA ALA A 44 -18.30 18.58 14.24
C ALA A 44 -17.23 18.49 15.34
N SER A 45 -17.65 18.10 16.54
CA SER A 45 -16.74 18.02 17.67
C SER A 45 -15.74 16.86 17.55
N MET A 46 -16.21 15.70 17.14
CA MET A 46 -15.33 14.55 16.95
C MET A 46 -14.22 14.85 15.95
N MET A 47 -14.63 15.37 14.80
CA MET A 47 -13.71 15.68 13.70
C MET A 47 -12.74 16.81 14.10
N GLY A 48 -13.24 17.77 14.87
CA GLY A 48 -12.42 18.82 15.48
C GLY A 48 -11.37 18.21 16.39
N LEU A 49 -11.79 17.23 17.20
CA LEU A 49 -10.89 16.51 18.10
C LEU A 49 -9.80 15.77 17.34
N LEU A 50 -10.19 15.12 16.26
CA LEU A 50 -9.25 14.33 15.47
C LEU A 50 -8.22 15.21 14.80
N THR A 51 -8.66 16.34 14.27
CA THR A 51 -7.77 17.23 13.52
C THR A 51 -6.87 18.09 14.44
N ASN A 52 -7.43 18.56 15.56
CA ASN A 52 -6.64 19.22 16.59
C ASN A 52 -5.52 18.30 17.07
N LEU A 53 -5.85 17.03 17.27
CA LEU A 53 -4.88 16.03 17.70
C LEU A 53 -3.79 15.83 16.65
N ALA A 54 -4.20 15.55 15.41
CA ALA A 54 -3.27 15.31 14.30
C ALA A 54 -2.34 16.50 14.11
N ASP A 55 -2.89 17.70 14.22
CA ASP A 55 -2.10 18.92 14.06
C ASP A 55 -0.98 19.03 15.13
N ARG A 56 -1.28 18.68 16.37
CA ARG A 56 -0.25 18.63 17.42
C ARG A 56 0.76 17.49 17.24
N GLU A 57 0.28 16.35 16.77
CA GLU A 57 1.14 15.21 16.53
C GLU A 57 2.09 15.47 15.38
N LEU A 58 1.64 16.23 14.39
CA LEU A 58 2.48 16.56 13.24
C LEU A 58 3.73 17.33 13.67
N VAL A 59 3.60 18.23 14.63
CA VAL A 59 4.76 18.98 15.11
C VAL A 59 5.81 18.02 15.71
N HIS A 60 5.35 17.06 16.52
CA HIS A 60 6.24 16.05 17.08
C HIS A 60 6.83 15.11 16.02
N MET A 61 6.03 14.77 15.02
CA MET A 61 6.48 13.91 13.93
C MET A 61 7.69 14.52 13.19
N ILE A 62 7.64 15.82 12.94
CA ILE A 62 8.75 16.49 12.28
C ILE A 62 10.03 16.36 13.11
N ASN A 63 9.92 16.54 14.43
CA ASN A 63 11.04 16.28 15.33
C ASN A 63 11.54 14.85 15.28
N TRP A 64 10.61 13.90 15.33
CA TRP A 64 10.92 12.47 15.23
C TRP A 64 11.67 12.14 13.92
N ALA A 65 11.16 12.63 12.80
CA ALA A 65 11.77 12.33 11.50
C ALA A 65 13.22 12.76 11.44
N LYS A 66 13.48 13.97 11.94
CA LYS A 66 14.83 14.49 11.96
C LYS A 66 15.74 13.60 12.80
N ARG A 67 15.16 12.77 13.65
CA ARG A 67 15.96 11.84 14.47
C ARG A 67 16.04 10.42 13.90
N VAL A 68 15.43 10.21 12.72
CA VAL A 68 15.52 8.94 12.02
C VAL A 68 16.83 8.89 11.24
N PRO A 69 17.70 7.93 11.57
CA PRO A 69 19.04 7.87 10.99
C PRO A 69 18.98 7.99 9.47
N GLY A 70 19.72 8.94 8.92
CA GLY A 70 19.78 9.12 7.48
C GLY A 70 18.86 10.20 6.96
N PHE A 71 17.79 10.49 7.69
CA PHE A 71 16.81 11.49 7.24
C PHE A 71 17.41 12.87 7.08
N VAL A 72 18.33 13.21 7.98
CA VAL A 72 18.93 14.51 8.04
C VAL A 72 20.02 14.63 6.97
N ASP A 73 20.37 13.52 6.31
CA ASP A 73 21.36 13.60 5.22
C ASP A 73 20.70 14.09 3.94
N LEU A 74 19.39 13.94 3.86
CA LEU A 74 18.61 14.33 2.68
C LEU A 74 18.47 15.84 2.58
N THR A 75 18.29 16.33 1.36
CA THR A 75 18.02 17.75 1.17
C THR A 75 16.68 18.09 1.82
N LEU A 76 16.57 19.32 2.30
CA LEU A 76 15.36 19.85 2.88
C LEU A 76 14.14 19.54 1.99
N HIS A 77 14.30 19.71 0.68
CA HIS A 77 13.21 19.47 -0.28
C HIS A 77 12.77 18.02 -0.26
N ASP A 78 13.73 17.11 -0.26
CA ASP A 78 13.46 15.69 -0.16
C ASP A 78 12.78 15.31 1.15
N GLN A 79 13.22 15.94 2.24
CA GLN A 79 12.65 15.70 3.55
C GLN A 79 11.18 16.06 3.56
N VAL A 80 10.89 17.24 3.01
CA VAL A 80 9.53 17.73 2.85
C VAL A 80 8.68 16.77 2.02
N HIS A 81 9.20 16.38 0.85
CA HIS A 81 8.46 15.43 0.00
C HIS A 81 8.09 14.15 0.75
N LEU A 82 9.03 13.59 1.51
CA LEU A 82 8.76 12.34 2.21
C LEU A 82 7.68 12.48 3.27
N LEU A 83 7.77 13.55 4.06
CA LEU A 83 6.79 13.82 5.11
C LEU A 83 5.41 14.13 4.55
N GLU A 84 5.36 14.93 3.49
CA GLU A 84 4.08 15.20 2.81
C GLU A 84 3.43 13.91 2.31
N CYS A 85 4.25 13.01 1.79
CA CYS A 85 3.69 11.79 1.23
C CYS A 85 3.21 10.85 2.34
N ALA A 86 3.99 10.78 3.43
CA ALA A 86 3.79 9.75 4.44
C ALA A 86 3.05 10.19 5.71
N TRP A 87 2.76 11.47 5.88
CA TRP A 87 2.32 11.93 7.21
C TRP A 87 1.10 11.16 7.77
N LEU A 88 0.11 10.89 6.94
CA LEU A 88 -1.12 10.23 7.43
C LEU A 88 -0.90 8.73 7.71
N GLU A 89 -0.04 8.10 6.90
CA GLU A 89 0.39 6.71 7.16
C GLU A 89 1.05 6.64 8.52
N ILE A 90 1.91 7.63 8.79
CA ILE A 90 2.67 7.63 10.03
C ILE A 90 1.74 7.83 11.24
N LEU A 91 0.80 8.76 11.11
CA LEU A 91 -0.19 8.95 12.16
C LEU A 91 -1.02 7.69 12.39
N MET A 92 -1.42 7.03 11.30
CA MET A 92 -2.28 5.84 11.38
C MET A 92 -1.58 4.62 11.95
N ILE A 93 -0.34 4.40 11.56
CA ILE A 93 0.36 3.24 12.12
C ILE A 93 0.56 3.47 13.63
N GLY A 94 0.78 4.72 13.99
CA GLY A 94 0.83 5.12 15.40
C GLY A 94 -0.46 4.77 16.12
N LEU A 95 -1.58 5.21 15.55
CA LEU A 95 -2.89 4.91 16.12
C LEU A 95 -3.13 3.40 16.23
N VAL A 96 -2.82 2.67 15.16
CA VAL A 96 -2.99 1.22 15.15
C VAL A 96 -2.19 0.57 16.29
N TRP A 97 -0.96 1.03 16.46
CA TRP A 97 -0.06 0.52 17.50
C TRP A 97 -0.53 0.79 18.92
N ARG A 98 -0.97 2.00 19.23
CA ARG A 98 -1.44 2.18 20.60
C ARG A 98 -2.82 1.56 20.86
N SER A 99 -3.60 1.29 19.80
CA SER A 99 -4.90 0.64 19.98
C SER A 99 -4.74 -0.88 20.07
N MET A 100 -3.51 -1.35 19.95
CA MET A 100 -3.25 -2.78 19.79
C MET A 100 -3.83 -3.61 20.93
N GLU A 101 -3.68 -3.13 22.16
CA GLU A 101 -4.22 -3.89 23.29
C GLU A 101 -5.62 -3.47 23.72
N HIS A 102 -6.38 -2.85 22.81
CA HIS A 102 -7.78 -2.50 23.03
C HIS A 102 -8.65 -2.97 21.88
N PRO A 103 -8.87 -4.30 21.79
CA PRO A 103 -9.72 -4.88 20.75
C PRO A 103 -11.04 -4.10 20.61
N GLY A 104 -11.32 -3.65 19.39
CA GLY A 104 -12.59 -3.00 19.10
C GLY A 104 -12.62 -1.50 19.35
N LYS A 105 -11.50 -0.96 19.85
CA LYS A 105 -11.42 0.47 20.13
C LYS A 105 -10.20 1.05 19.45
N LEU A 106 -10.27 2.32 19.10
CA LEU A 106 -9.13 3.06 18.56
C LEU A 106 -8.67 4.10 19.58
N LEU A 107 -7.48 3.88 20.14
CA LEU A 107 -6.94 4.79 21.14
C LEU A 107 -6.24 5.94 20.41
N PHE A 108 -7.02 6.95 20.02
CA PHE A 108 -6.47 8.15 19.37
C PHE A 108 -5.58 8.86 20.38
N ALA A 109 -6.01 8.83 21.63
CA ALA A 109 -5.27 9.34 22.78
C ALA A 109 -5.77 8.63 24.04
N PRO A 110 -4.99 8.68 25.14
CA PRO A 110 -5.42 8.03 26.38
C PRO A 110 -6.82 8.45 26.83
N ASN A 111 -7.21 9.70 26.58
CA ASN A 111 -8.54 10.18 26.95
C ASN A 111 -9.49 10.32 25.78
N LEU A 112 -9.13 9.71 24.65
CA LEU A 112 -10.02 9.62 23.51
C LEU A 112 -9.88 8.22 22.89
N LEU A 113 -10.60 7.27 23.49
CA LEU A 113 -10.61 5.88 23.06
C LEU A 113 -12.00 5.60 22.52
N LEU A 114 -12.07 5.41 21.21
CA LEU A 114 -13.35 5.37 20.52
C LEU A 114 -13.64 3.96 20.02
N ASP A 115 -14.71 3.36 20.52
CA ASP A 115 -15.09 2.06 20.02
C ASP A 115 -15.60 2.20 18.59
N ARG A 116 -15.62 1.08 17.87
CA ARG A 116 -16.01 0.99 16.48
C ARG A 116 -17.24 1.84 16.11
N ASN A 117 -18.30 1.73 16.92
CA ASN A 117 -19.56 2.39 16.63
C ASN A 117 -19.58 3.92 16.67
N GLN A 118 -18.61 4.51 17.34
CA GLN A 118 -18.58 5.97 17.44
C GLN A 118 -18.06 6.59 16.16
N GLY A 119 -17.57 5.75 15.25
CA GLY A 119 -17.20 6.21 13.93
C GLY A 119 -18.41 6.62 13.12
N LYS A 120 -19.60 6.17 13.54
CA LYS A 120 -20.84 6.52 12.87
C LYS A 120 -21.27 7.96 13.20
N CYS A 121 -20.63 8.56 14.20
CA CYS A 121 -20.88 9.94 14.57
C CYS A 121 -20.48 10.88 13.43
N VAL A 122 -19.61 10.38 12.56
CA VAL A 122 -19.11 11.15 11.42
C VAL A 122 -19.40 10.39 10.12
N GLU A 123 -20.06 11.05 9.17
CA GLU A 123 -20.39 10.38 7.90
C GLU A 123 -19.13 9.85 7.22
N GLY A 124 -19.18 8.61 6.75
CA GLY A 124 -18.08 8.03 5.99
C GLY A 124 -16.93 7.52 6.82
N MET A 125 -16.97 7.82 8.11
CA MET A 125 -15.84 7.52 9.01
C MET A 125 -15.71 6.05 9.41
N VAL A 126 -16.83 5.36 9.62
CA VAL A 126 -16.82 3.99 10.16
C VAL A 126 -16.07 3.00 9.26
N GLU A 127 -16.12 3.23 7.95
CA GLU A 127 -15.40 2.41 6.98
C GLU A 127 -13.89 2.49 7.24
N ILE A 128 -13.41 3.69 7.55
CA ILE A 128 -12.01 3.91 7.86
C ILE A 128 -11.65 3.32 9.23
N PHE A 129 -12.51 3.55 10.23
CA PHE A 129 -12.39 2.88 11.53
C PHE A 129 -12.26 1.37 11.36
N ASP A 130 -13.18 0.77 10.61
CA ASP A 130 -13.14 -0.68 10.39
C ASP A 130 -11.78 -1.15 9.84
N MET A 131 -11.19 -0.38 8.92
CA MET A 131 -9.89 -0.73 8.38
C MET A 131 -8.81 -0.60 9.45
N LEU A 132 -8.85 0.50 10.20
CA LEU A 132 -7.91 0.74 11.28
C LEU A 132 -7.93 -0.39 12.32
N LEU A 133 -9.12 -0.79 12.75
CA LEU A 133 -9.31 -1.86 13.72
C LEU A 133 -8.82 -3.21 13.20
N ALA A 134 -9.14 -3.51 11.94
CA ALA A 134 -8.68 -4.75 11.33
C ALA A 134 -7.16 -4.84 11.36
N THR A 135 -6.49 -3.70 11.20
CA THR A 135 -5.03 -3.63 11.22
C THR A 135 -4.50 -3.82 12.63
N SER A 136 -5.17 -3.20 13.59
CA SER A 136 -4.83 -3.35 15.00
C SER A 136 -4.93 -4.82 15.40
N SER A 137 -6.01 -5.47 14.97
CA SER A 137 -6.22 -6.89 15.23
C SER A 137 -5.11 -7.74 14.63
N ARG A 138 -4.68 -7.39 13.43
CA ARG A 138 -3.57 -8.07 12.77
C ARG A 138 -2.26 -7.96 13.60
N PHE A 139 -1.86 -6.74 13.93
CA PHE A 139 -0.76 -6.48 14.88
C PHE A 139 -0.86 -7.38 16.10
N ARG A 140 -2.04 -7.41 16.72
CA ARG A 140 -2.27 -8.23 17.89
C ARG A 140 -1.99 -9.70 17.59
N MET A 141 -2.58 -10.23 16.52
CA MET A 141 -2.39 -11.66 16.26
C MET A 141 -0.93 -12.01 15.94
N MET A 142 -0.21 -11.07 15.35
CA MET A 142 1.21 -11.25 15.07
C MET A 142 2.07 -11.01 16.32
N ASN A 143 1.49 -10.37 17.32
CA ASN A 143 2.23 -9.98 18.53
C ASN A 143 3.37 -9.04 18.16
N LEU A 144 3.03 -7.99 17.43
CA LEU A 144 4.01 -7.00 17.00
C LEU A 144 4.76 -6.43 18.22
N GLN A 145 6.07 -6.36 18.12
CA GLN A 145 6.86 -5.86 19.24
C GLN A 145 7.13 -4.37 19.01
N GLY A 146 7.39 -3.62 20.07
CA GLY A 146 7.66 -2.19 19.93
C GLY A 146 8.86 -1.89 19.06
N GLU A 147 9.89 -2.73 19.15
CA GLU A 147 11.11 -2.53 18.37
C GLU A 147 10.83 -2.74 16.88
N GLU A 148 9.97 -3.70 16.58
CA GLU A 148 9.51 -3.93 15.21
C GLU A 148 8.68 -2.76 14.71
N PHE A 149 7.76 -2.29 15.55
CA PHE A 149 6.91 -1.15 15.20
C PHE A 149 7.73 0.08 14.78
N VAL A 150 8.77 0.42 15.54
CA VAL A 150 9.51 1.63 15.24
C VAL A 150 10.28 1.45 13.94
N CYS A 151 10.69 0.21 13.66
CA CYS A 151 11.30 -0.08 12.38
C CYS A 151 10.31 0.16 11.26
N LEU A 152 9.10 -0.37 11.40
CA LEU A 152 8.05 -0.20 10.40
C LEU A 152 7.69 1.25 10.15
N LYS A 153 7.57 2.02 11.22
CA LYS A 153 7.23 3.44 11.06
C LYS A 153 8.30 4.17 10.26
N SER A 154 9.56 3.88 10.54
CA SER A 154 10.64 4.56 9.82
C SER A 154 10.70 4.14 8.33
N ILE A 155 10.35 2.89 8.06
CA ILE A 155 10.30 2.39 6.69
C ILE A 155 9.24 3.19 5.91
N ILE A 156 8.06 3.37 6.50
CA ILE A 156 7.03 4.20 5.90
C ILE A 156 7.57 5.59 5.54
N LEU A 157 8.18 6.26 6.50
CA LEU A 157 8.77 7.58 6.26
C LEU A 157 9.69 7.61 5.04
N LEU A 158 10.57 6.61 4.95
CA LEU A 158 11.60 6.57 3.93
C LEU A 158 11.10 6.01 2.60
N ASN A 159 10.19 5.04 2.68
CA ASN A 159 9.73 4.33 1.50
C ASN A 159 8.62 5.03 0.72
N SER A 160 7.64 5.57 1.44
CA SER A 160 6.38 5.96 0.80
C SER A 160 6.51 6.96 -0.34
N GLY A 161 7.36 7.99 -0.17
CA GLY A 161 7.50 9.01 -1.21
C GLY A 161 8.76 8.91 -2.05
N VAL A 162 9.53 7.84 -1.83
CA VAL A 162 10.82 7.69 -2.51
C VAL A 162 10.73 7.58 -4.03
N TYR A 163 9.72 6.88 -4.53
CA TYR A 163 9.63 6.71 -5.98
C TYR A 163 8.98 7.89 -6.70
N THR A 164 8.46 8.83 -5.94
CA THR A 164 7.93 10.07 -6.52
C THR A 164 8.97 11.19 -6.54
N PHE A 165 10.21 10.88 -6.16
CA PHE A 165 11.30 11.84 -6.33
C PHE A 165 11.45 12.20 -7.80
N GLU A 174 21.41 9.72 -6.37
CA GLU A 174 22.27 9.63 -5.18
C GLU A 174 21.47 9.80 -3.89
N GLU A 175 20.48 10.69 -3.95
CA GLU A 175 19.51 10.85 -2.88
C GLU A 175 18.66 9.58 -2.74
N LYS A 176 18.26 9.00 -3.88
CA LYS A 176 17.47 7.78 -3.88
C LYS A 176 18.27 6.59 -3.36
N ASP A 177 19.54 6.53 -3.74
CA ASP A 177 20.47 5.46 -3.35
C ASP A 177 20.68 5.41 -1.85
N HIS A 178 20.74 6.58 -1.22
CA HIS A 178 21.02 6.67 0.20
C HIS A 178 19.82 6.16 0.97
N ILE A 179 18.62 6.53 0.51
CA ILE A 179 17.40 6.09 1.14
C ILE A 179 17.27 4.57 1.08
N HIS A 180 17.63 4.01 -0.07
CA HIS A 180 17.59 2.56 -0.24
C HIS A 180 18.66 1.85 0.60
N ARG A 181 19.77 2.53 0.85
CA ARG A 181 20.82 1.99 1.70
C ARG A 181 20.33 2.00 3.13
N VAL A 182 19.71 3.10 3.54
CA VAL A 182 19.17 3.17 4.89
C VAL A 182 18.04 2.18 5.07
N LEU A 183 17.21 2.01 4.04
CA LEU A 183 16.11 1.07 4.10
C LEU A 183 16.64 -0.36 4.32
N ASP A 184 17.71 -0.69 3.62
CA ASP A 184 18.37 -1.99 3.76
C ASP A 184 18.81 -2.22 5.22
N LYS A 185 19.40 -1.20 5.84
CA LYS A 185 19.84 -1.26 7.24
C LYS A 185 18.66 -1.51 8.18
N ILE A 186 17.51 -0.95 7.88
CA ILE A 186 16.36 -1.15 8.74
C ILE A 186 15.79 -2.55 8.52
N THR A 187 15.84 -3.05 7.29
CA THR A 187 15.51 -4.45 7.05
C THR A 187 16.44 -5.34 7.90
N ASP A 188 17.74 -5.04 7.85
CA ASP A 188 18.75 -5.75 8.64
C ASP A 188 18.37 -5.72 10.11
N THR A 189 17.85 -4.57 10.54
CA THR A 189 17.47 -4.39 11.95
C THR A 189 16.27 -5.28 12.33
N LEU A 190 15.26 -5.34 11.48
CA LEU A 190 14.05 -6.14 11.76
C LEU A 190 14.37 -7.62 11.87
N ILE A 191 15.21 -8.08 10.95
CA ILE A 191 15.66 -9.46 10.91
C ILE A 191 16.51 -9.78 12.14
N HIS A 192 17.35 -8.84 12.55
CA HIS A 192 18.11 -8.96 13.80
C HIS A 192 17.20 -9.18 15.01
N LEU A 193 16.14 -8.39 15.11
CA LEU A 193 15.20 -8.47 16.22
C LEU A 193 14.52 -9.83 16.25
N MET A 194 14.28 -10.40 15.06
CA MET A 194 13.59 -11.68 14.94
C MET A 194 14.56 -12.83 15.20
N ALA A 195 15.79 -12.68 14.72
CA ALA A 195 16.83 -13.64 15.06
C ALA A 195 17.02 -13.65 16.58
N LYS A 196 17.18 -12.46 17.15
CA LYS A 196 17.31 -12.31 18.61
C LYS A 196 16.15 -12.97 19.35
N ALA A 197 14.95 -12.94 18.76
CA ALA A 197 13.76 -13.50 19.40
C ALA A 197 13.64 -15.02 19.23
N GLY A 198 14.63 -15.64 18.58
CA GLY A 198 14.68 -17.10 18.47
C GLY A 198 14.02 -17.70 17.24
N LEU A 199 13.55 -16.86 16.33
CA LEU A 199 12.91 -17.37 15.13
C LEU A 199 13.91 -18.04 14.18
N THR A 200 13.48 -19.12 13.53
CA THR A 200 14.28 -19.76 12.49
C THR A 200 14.39 -18.82 11.30
N LEU A 201 15.36 -19.09 10.43
CA LEU A 201 15.51 -18.33 9.18
C LEU A 201 14.20 -18.30 8.39
N GLN A 202 13.57 -19.47 8.21
CA GLN A 202 12.28 -19.52 7.51
C GLN A 202 11.22 -18.66 8.19
N GLN A 203 11.18 -18.68 9.52
CA GLN A 203 10.19 -17.89 10.23
C GLN A 203 10.51 -16.42 10.15
N GLN A 204 11.81 -16.12 10.11
CA GLN A 204 12.25 -14.73 10.00
C GLN A 204 11.81 -14.13 8.68
N HIS A 205 12.02 -14.84 7.58
CA HIS A 205 11.62 -14.30 6.28
C HIS A 205 10.09 -14.21 6.17
N GLN A 206 9.38 -15.21 6.69
CA GLN A 206 7.92 -15.18 6.68
C GLN A 206 7.35 -13.99 7.48
N ARG A 207 7.93 -13.73 8.64
CA ARG A 207 7.48 -12.59 9.46
C ARG A 207 7.87 -11.26 8.83
N LEU A 208 9.05 -11.19 8.22
CA LEU A 208 9.42 -9.92 7.54
C LEU A 208 8.37 -9.59 6.47
N ALA A 209 8.04 -10.57 5.62
CA ALA A 209 7.02 -10.37 4.59
C ALA A 209 5.65 -9.96 5.15
N GLN A 210 5.24 -10.64 6.21
CA GLN A 210 3.95 -10.36 6.83
C GLN A 210 3.89 -8.92 7.27
N LEU A 211 4.95 -8.45 7.91
CA LEU A 211 4.99 -7.10 8.42
C LEU A 211 4.98 -6.05 7.31
N LEU A 212 5.79 -6.29 6.28
CA LEU A 212 5.87 -5.37 5.15
C LEU A 212 4.59 -5.30 4.34
N LEU A 213 3.84 -6.41 4.27
CA LEU A 213 2.59 -6.42 3.53
C LEU A 213 1.51 -5.57 4.22
N ILE A 214 1.64 -5.42 5.54
CA ILE A 214 0.75 -4.55 6.28
C ILE A 214 0.94 -3.11 5.80
N LEU A 215 2.16 -2.75 5.41
CA LEU A 215 2.40 -1.40 4.89
C LEU A 215 1.55 -1.07 3.66
N SER A 216 1.25 -2.08 2.86
CA SER A 216 0.32 -1.91 1.74
C SER A 216 -1.08 -1.51 2.23
N HIS A 217 -1.54 -2.15 3.28
CA HIS A 217 -2.86 -1.81 3.83
C HIS A 217 -2.85 -0.44 4.49
N ILE A 218 -1.73 -0.09 5.10
CA ILE A 218 -1.57 1.23 5.71
C ILE A 218 -1.59 2.34 4.66
N ARG A 219 -0.93 2.11 3.53
CA ARG A 219 -1.03 3.03 2.39
C ARG A 219 -2.48 3.19 1.94
N HIS A 220 -3.19 2.07 1.79
CA HIS A 220 -4.57 2.09 1.37
C HIS A 220 -5.38 3.01 2.30
N MET A 221 -5.19 2.82 3.60
CA MET A 221 -5.94 3.57 4.62
C MET A 221 -5.62 5.05 4.56
N SER A 222 -4.34 5.36 4.40
CA SER A 222 -3.92 6.76 4.24
C SER A 222 -4.65 7.40 3.07
N ASN A 223 -4.60 6.73 1.91
CA ASN A 223 -5.28 7.25 0.73
C ASN A 223 -6.78 7.48 0.93
N LYS A 224 -7.45 6.50 1.53
CA LYS A 224 -8.87 6.62 1.88
C LYS A 224 -9.06 7.77 2.86
N GLY A 225 -8.19 7.82 3.87
CA GLY A 225 -8.29 8.83 4.92
C GLY A 225 -8.14 10.22 4.33
N MET A 226 -7.22 10.35 3.38
CA MET A 226 -6.97 11.62 2.71
C MET A 226 -8.20 12.14 1.96
N GLU A 227 -8.89 11.26 1.22
CA GLU A 227 -10.09 11.68 0.53
C GLU A 227 -11.23 12.04 1.53
N HIS A 228 -11.32 11.31 2.64
CA HIS A 228 -12.31 11.61 3.66
C HIS A 228 -12.03 12.98 4.29
N LEU A 229 -10.78 13.17 4.70
CA LEU A 229 -10.36 14.46 5.21
C LEU A 229 -10.68 15.57 4.21
N TYR A 230 -10.49 15.30 2.92
CA TYR A 230 -10.77 16.31 1.90
C TYR A 230 -12.25 16.63 1.81
N SER A 231 -13.07 15.59 1.88
CA SER A 231 -14.52 15.72 1.89
C SER A 231 -15.02 16.53 3.10
N MET A 232 -14.53 16.20 4.29
CA MET A 232 -14.86 16.93 5.52
C MET A 232 -14.46 18.40 5.45
N LYS A 233 -13.43 18.70 4.66
CA LYS A 233 -13.00 20.09 4.48
C LYS A 233 -13.88 20.84 3.50
N CYS A 234 -14.17 20.23 2.36
CA CYS A 234 -15.06 20.84 1.36
C CYS A 234 -16.46 21.04 1.93
N LYS A 235 -17.00 20.01 2.57
CA LYS A 235 -18.32 20.11 3.20
C LYS A 235 -18.26 21.01 4.43
N ASN A 236 -17.07 21.47 4.75
CA ASN A 236 -16.84 22.44 5.82
C ASN A 236 -17.39 22.01 7.19
N VAL A 237 -17.24 20.73 7.50
CA VAL A 237 -17.75 20.18 8.77
C VAL A 237 -16.81 20.51 9.93
N VAL A 238 -15.68 21.14 9.63
CA VAL A 238 -14.68 21.53 10.63
C VAL A 238 -13.54 22.35 10.02
N PRO A 239 -13.10 23.39 10.75
CA PRO A 239 -11.93 24.15 10.33
C PRO A 239 -10.65 23.36 10.55
N LEU A 240 -9.72 23.44 9.60
CA LEU A 240 -8.43 22.76 9.71
C LEU A 240 -7.32 23.79 9.87
N SER A 241 -6.27 23.40 10.59
CA SER A 241 -5.11 24.29 10.78
C SER A 241 -4.36 24.51 9.47
N ASP A 242 -3.59 25.58 9.42
CA ASP A 242 -2.78 25.89 8.24
C ASP A 242 -1.83 24.74 7.88
N LEU A 243 -1.15 24.18 8.87
CA LEU A 243 -0.26 23.06 8.61
C LEU A 243 -1.01 21.84 8.06
N LEU A 244 -2.18 21.55 8.61
CA LEU A 244 -2.93 20.38 8.18
C LEU A 244 -3.48 20.59 6.75
N LEU A 245 -3.96 21.78 6.46
CA LEU A 245 -4.37 22.13 5.10
C LEU A 245 -3.22 21.93 4.12
N GLU A 246 -2.03 22.29 4.56
CA GLU A 246 -0.84 22.21 3.74
C GLU A 246 -0.47 20.76 3.47
N MET A 247 -0.59 19.90 4.48
CA MET A 247 -0.28 18.49 4.34
C MET A 247 -1.32 17.83 3.45
N LEU A 248 -2.57 18.31 3.57
CA LEU A 248 -3.66 17.87 2.70
C LEU A 248 -3.41 18.30 1.26
N ASP A 249 -3.12 19.59 1.07
CA ASP A 249 -2.84 20.14 -0.26
C ASP A 249 -1.77 19.42 -1.06
N ALA A 250 -0.80 18.84 -0.36
CA ALA A 250 0.31 18.16 -1.01
C ALA A 250 -0.12 16.95 -1.83
N HIS A 251 -1.29 16.39 -1.52
CA HIS A 251 -1.76 15.19 -2.20
C HIS A 251 -2.68 15.48 -3.38
N ARG A 252 -2.92 16.76 -3.64
CA ARG A 252 -3.86 17.18 -4.68
C ARG A 252 -3.63 18.64 -5.04
N SER B 9 -5.34 -29.10 1.44
CA SER B 9 -4.97 -28.14 0.36
C SER B 9 -3.65 -28.53 -0.31
N LEU B 10 -3.76 -29.29 -1.40
CA LEU B 10 -2.60 -29.76 -2.14
C LEU B 10 -1.60 -28.64 -2.41
N ALA B 11 -2.07 -27.39 -2.41
CA ALA B 11 -1.23 -26.24 -2.69
C ALA B 11 -0.23 -25.99 -1.57
N LEU B 12 -0.62 -26.27 -0.34
CA LEU B 12 0.27 -26.11 0.80
C LEU B 12 1.43 -27.10 0.75
N SER B 13 1.26 -28.17 -0.02
CA SER B 13 2.24 -29.24 -0.13
C SER B 13 3.16 -29.09 -1.34
N LEU B 14 3.10 -27.94 -1.99
CA LEU B 14 3.93 -27.69 -3.16
C LEU B 14 5.33 -27.29 -2.75
N THR B 15 6.33 -27.70 -3.54
CA THR B 15 7.68 -27.20 -3.34
C THR B 15 7.76 -25.79 -3.91
N ALA B 16 8.88 -25.12 -3.68
CA ALA B 16 9.13 -23.81 -4.26
C ALA B 16 9.13 -23.93 -5.79
N ASP B 17 9.79 -24.94 -6.30
CA ASP B 17 9.87 -25.15 -7.74
C ASP B 17 8.51 -25.43 -8.38
N GLN B 18 7.65 -26.15 -7.65
CA GLN B 18 6.29 -26.43 -8.10
C GLN B 18 5.41 -25.17 -8.08
N MET B 19 5.64 -24.31 -7.08
CA MET B 19 4.94 -23.02 -6.99
C MET B 19 5.28 -22.11 -8.18
N VAL B 20 6.57 -21.99 -8.45
CA VAL B 20 7.05 -21.15 -9.56
C VAL B 20 6.51 -21.64 -10.90
N SER B 21 6.58 -22.96 -11.11
CA SER B 21 6.13 -23.56 -12.36
C SER B 21 4.62 -23.39 -12.56
N ALA B 22 3.85 -23.55 -11.49
CA ALA B 22 2.42 -23.34 -11.54
C ALA B 22 2.06 -21.87 -11.87
N LEU B 23 2.73 -20.94 -11.19
CA LEU B 23 2.53 -19.51 -11.45
C LEU B 23 2.91 -19.12 -12.88
N LEU B 24 4.02 -19.65 -13.37
CA LEU B 24 4.40 -19.37 -14.74
C LEU B 24 3.36 -19.90 -15.74
N ASP B 25 2.83 -21.10 -15.52
CA ASP B 25 1.85 -21.67 -16.44
C ASP B 25 0.50 -20.95 -16.41
N ALA B 26 0.22 -20.27 -15.31
CA ALA B 26 -1.04 -19.53 -15.15
C ALA B 26 -1.03 -18.18 -15.85
N GLU B 27 0.14 -17.71 -16.27
CA GLU B 27 0.28 -16.37 -16.84
C GLU B 27 -0.70 -16.12 -17.99
N PRO B 28 -1.48 -15.02 -17.89
CA PRO B 28 -2.44 -14.63 -18.91
C PRO B 28 -1.70 -14.18 -20.17
N PRO B 29 -2.40 -14.14 -21.30
CA PRO B 29 -1.77 -13.66 -22.54
C PRO B 29 -1.59 -12.14 -22.58
N ILE B 30 -0.71 -11.67 -23.45
CA ILE B 30 -0.62 -10.26 -23.71
C ILE B 30 -1.68 -9.92 -24.77
N LEU B 31 -2.64 -9.08 -24.41
CA LEU B 31 -3.73 -8.73 -25.31
C LEU B 31 -3.34 -7.54 -26.16
N TYR B 32 -4.06 -7.35 -27.27
CA TYR B 32 -3.90 -6.19 -28.13
C TYR B 32 -5.01 -5.18 -27.84
N SER B 33 -4.71 -3.90 -28.02
CA SER B 33 -5.72 -2.89 -27.88
C SER B 33 -6.45 -2.77 -29.22
N GLU B 34 -7.60 -2.13 -29.23
CA GLU B 34 -8.28 -1.88 -30.50
C GLU B 34 -7.88 -0.52 -31.10
N TYR B 35 -6.60 -0.17 -30.94
CA TYR B 35 -6.09 1.10 -31.41
C TYR B 35 -6.06 1.15 -32.94
N ASP B 36 -6.79 2.11 -33.52
CA ASP B 36 -6.71 2.38 -34.96
C ASP B 36 -5.68 3.49 -35.21
N PRO B 37 -4.49 3.10 -35.70
CA PRO B 37 -3.31 3.94 -35.63
C PRO B 37 -3.34 5.09 -36.60
N THR B 38 -4.37 5.14 -37.44
CA THR B 38 -4.55 6.25 -38.35
C THR B 38 -5.83 7.03 -38.00
N ARG B 39 -6.02 7.23 -36.70
CA ARG B 39 -7.08 8.10 -36.16
C ARG B 39 -6.53 8.93 -34.99
N PRO B 40 -6.91 10.22 -34.92
CA PRO B 40 -6.34 11.10 -33.89
C PRO B 40 -6.86 10.82 -32.46
N PHE B 41 -5.94 10.68 -31.52
CA PHE B 41 -6.30 10.50 -30.11
C PHE B 41 -7.17 11.63 -29.62
N SER B 42 -8.16 11.29 -28.81
CA SER B 42 -8.80 12.29 -27.98
C SER B 42 -8.73 11.81 -26.54
N GLU B 43 -9.13 12.65 -25.59
CA GLU B 43 -9.23 12.21 -24.21
C GLU B 43 -10.15 11.00 -24.14
N ALA B 44 -11.31 11.12 -24.78
CA ALA B 44 -12.32 10.07 -24.81
C ALA B 44 -11.82 8.79 -25.49
N SER B 45 -11.07 8.94 -26.58
CA SER B 45 -10.68 7.76 -27.35
C SER B 45 -9.56 7.02 -26.64
N MET B 46 -8.64 7.76 -26.05
CA MET B 46 -7.57 7.13 -25.27
C MET B 46 -8.14 6.41 -24.04
N MET B 47 -9.05 7.06 -23.32
CA MET B 47 -9.70 6.39 -22.20
C MET B 47 -10.46 5.13 -22.65
N GLY B 48 -11.08 5.19 -23.84
CA GLY B 48 -11.77 4.03 -24.40
C GLY B 48 -10.83 2.85 -24.60
N LEU B 49 -9.68 3.13 -25.20
CA LEU B 49 -8.67 2.10 -25.42
C LEU B 49 -8.23 1.42 -24.11
N LEU B 50 -7.94 2.22 -23.09
CA LEU B 50 -7.50 1.68 -21.82
C LEU B 50 -8.58 0.86 -21.13
N THR B 51 -9.82 1.35 -21.15
CA THR B 51 -10.91 0.61 -20.51
C THR B 51 -11.41 -0.59 -21.33
N ASN B 52 -11.32 -0.52 -22.66
CA ASN B 52 -11.63 -1.68 -23.49
C ASN B 52 -10.65 -2.82 -23.20
N LEU B 53 -9.36 -2.47 -23.21
CA LEU B 53 -8.27 -3.38 -22.85
C LEU B 53 -8.43 -4.04 -21.47
N ALA B 54 -8.61 -3.19 -20.46
CA ALA B 54 -8.80 -3.64 -19.09
C ALA B 54 -9.95 -4.64 -19.02
N ASP B 55 -11.05 -4.34 -19.70
CA ASP B 55 -12.22 -5.21 -19.67
C ASP B 55 -11.90 -6.59 -20.21
N ARG B 56 -11.13 -6.65 -21.29
CA ARG B 56 -10.78 -7.94 -21.87
C ARG B 56 -9.76 -8.66 -20.99
N GLU B 57 -8.89 -7.89 -20.36
CA GLU B 57 -7.86 -8.45 -19.48
C GLU B 57 -8.46 -9.04 -18.21
N LEU B 58 -9.53 -8.42 -17.73
CA LEU B 58 -10.25 -8.91 -16.54
C LEU B 58 -10.75 -10.34 -16.68
N VAL B 59 -11.31 -10.70 -17.83
CA VAL B 59 -11.78 -12.05 -18.04
C VAL B 59 -10.60 -13.03 -17.94
N HIS B 60 -9.45 -12.66 -18.51
CA HIS B 60 -8.25 -13.51 -18.41
C HIS B 60 -7.69 -13.57 -16.99
N MET B 61 -7.84 -12.46 -16.26
CA MET B 61 -7.38 -12.39 -14.87
C MET B 61 -8.14 -13.36 -13.98
N ILE B 62 -9.43 -13.47 -14.23
CA ILE B 62 -10.26 -14.33 -13.43
C ILE B 62 -9.80 -15.77 -13.59
N ASN B 63 -9.46 -16.17 -14.81
CA ASN B 63 -9.00 -17.54 -15.03
C ASN B 63 -7.60 -17.79 -14.49
N TRP B 64 -6.78 -16.76 -14.49
CA TRP B 64 -5.48 -16.78 -13.83
C TRP B 64 -5.65 -16.96 -12.32
N ALA B 65 -6.54 -16.18 -11.73
CA ALA B 65 -6.73 -16.21 -10.28
C ALA B 65 -7.11 -17.62 -9.87
N LYS B 66 -7.99 -18.25 -10.65
CA LYS B 66 -8.39 -19.61 -10.35
C LYS B 66 -7.18 -20.56 -10.36
N ARG B 67 -6.10 -20.17 -11.06
CA ARG B 67 -4.93 -21.03 -11.21
C ARG B 67 -3.83 -20.76 -10.19
N VAL B 68 -4.00 -19.73 -9.38
CA VAL B 68 -3.08 -19.45 -8.27
C VAL B 68 -3.38 -20.40 -7.10
N PRO B 69 -2.38 -21.19 -6.69
CA PRO B 69 -2.58 -22.22 -5.65
C PRO B 69 -3.27 -21.65 -4.42
N GLY B 70 -4.26 -22.36 -3.90
CA GLY B 70 -5.00 -21.89 -2.73
C GLY B 70 -6.20 -21.01 -3.01
N PHE B 71 -6.20 -20.31 -4.14
CA PHE B 71 -7.29 -19.39 -4.43
C PHE B 71 -8.62 -20.09 -4.58
N VAL B 72 -8.61 -21.27 -5.19
CA VAL B 72 -9.85 -22.01 -5.39
C VAL B 72 -10.30 -22.73 -4.11
N ASP B 73 -9.49 -22.69 -3.07
CA ASP B 73 -9.90 -23.28 -1.80
C ASP B 73 -10.86 -22.37 -1.06
N LEU B 74 -10.75 -21.07 -1.33
CA LEU B 74 -11.57 -20.06 -0.68
C LEU B 74 -13.00 -20.12 -1.20
N THR B 75 -13.92 -19.55 -0.43
CA THR B 75 -15.32 -19.40 -0.86
C THR B 75 -15.42 -18.48 -2.07
N LEU B 76 -16.58 -18.50 -2.71
CA LEU B 76 -16.86 -17.66 -3.86
C LEU B 76 -16.95 -16.20 -3.44
N HIS B 77 -17.59 -15.96 -2.30
CA HIS B 77 -17.66 -14.63 -1.71
C HIS B 77 -16.27 -14.00 -1.50
N ASP B 78 -15.32 -14.79 -1.01
CA ASP B 78 -13.99 -14.30 -0.71
C ASP B 78 -13.14 -14.12 -1.97
N GLN B 79 -13.26 -15.04 -2.92
CA GLN B 79 -12.62 -14.86 -4.22
C GLN B 79 -13.06 -13.55 -4.83
N VAL B 80 -14.36 -13.25 -4.71
CA VAL B 80 -14.88 -12.01 -5.25
C VAL B 80 -14.28 -10.79 -4.56
N HIS B 81 -14.28 -10.78 -3.24
CA HIS B 81 -13.74 -9.64 -2.52
C HIS B 81 -12.27 -9.40 -2.85
N LEU B 82 -11.50 -10.47 -2.90
CA LEU B 82 -10.09 -10.38 -3.26
C LEU B 82 -9.88 -9.78 -4.66
N LEU B 83 -10.57 -10.29 -5.67
CA LEU B 83 -10.39 -9.73 -7.02
C LEU B 83 -10.94 -8.31 -7.11
N GLU B 84 -12.06 -8.06 -6.44
CA GLU B 84 -12.63 -6.71 -6.36
C GLU B 84 -11.66 -5.74 -5.73
N CYS B 85 -10.93 -6.19 -4.71
CA CYS B 85 -9.97 -5.31 -4.07
C CYS B 85 -8.72 -5.07 -4.94
N ALA B 86 -8.23 -6.12 -5.60
CA ALA B 86 -6.91 -6.04 -6.24
C ALA B 86 -6.88 -5.89 -7.76
N TRP B 87 -8.04 -5.89 -8.42
CA TRP B 87 -8.01 -5.98 -9.88
C TRP B 87 -7.08 -4.94 -10.53
N LEU B 88 -7.15 -3.69 -10.08
CA LEU B 88 -6.36 -2.63 -10.73
C LEU B 88 -4.89 -2.69 -10.37
N GLU B 89 -4.57 -3.06 -9.13
CA GLU B 89 -3.19 -3.35 -8.75
C GLU B 89 -2.55 -4.42 -9.67
N ILE B 90 -3.29 -5.50 -9.91
CA ILE B 90 -2.83 -6.57 -10.79
C ILE B 90 -2.64 -6.09 -12.25
N LEU B 91 -3.61 -5.35 -12.79
CA LEU B 91 -3.45 -4.83 -14.15
C LEU B 91 -2.22 -3.93 -14.22
N MET B 92 -2.05 -3.08 -13.22
CA MET B 92 -0.94 -2.11 -13.22
C MET B 92 0.45 -2.76 -13.08
N ILE B 93 0.55 -3.77 -12.22
CA ILE B 93 1.84 -4.47 -12.07
C ILE B 93 2.18 -5.24 -13.34
N GLY B 94 1.15 -5.78 -14.01
CA GLY B 94 1.36 -6.38 -15.32
C GLY B 94 1.91 -5.35 -16.31
N LEU B 95 1.29 -4.19 -16.34
CA LEU B 95 1.71 -3.11 -17.23
C LEU B 95 3.15 -2.70 -16.96
N VAL B 96 3.49 -2.53 -15.69
CA VAL B 96 4.82 -2.12 -15.30
C VAL B 96 5.86 -3.18 -15.73
N TRP B 97 5.51 -4.46 -15.57
CA TRP B 97 6.33 -5.56 -16.06
C TRP B 97 6.54 -5.50 -17.57
N ARG B 98 5.45 -5.35 -18.33
CA ARG B 98 5.50 -5.34 -19.79
C ARG B 98 6.34 -4.19 -20.29
N SER B 99 6.45 -3.15 -19.45
CA SER B 99 7.12 -1.92 -19.83
C SER B 99 8.58 -1.91 -19.45
N MET B 100 8.99 -2.91 -18.66
CA MET B 100 10.35 -2.99 -18.13
C MET B 100 11.41 -2.65 -19.17
N GLU B 101 11.25 -3.20 -20.37
CA GLU B 101 12.29 -3.09 -21.38
C GLU B 101 12.09 -1.88 -22.29
N HIS B 102 11.18 -0.99 -21.92
CA HIS B 102 10.90 0.22 -22.70
C HIS B 102 10.99 1.46 -21.84
N PRO B 103 12.21 1.96 -21.57
CA PRO B 103 12.33 3.13 -20.71
C PRO B 103 11.54 4.31 -21.30
N GLY B 104 10.85 5.07 -20.45
CA GLY B 104 10.10 6.22 -20.91
C GLY B 104 8.73 5.91 -21.46
N LYS B 105 8.38 4.63 -21.59
CA LYS B 105 7.10 4.28 -22.19
C LYS B 105 6.35 3.24 -21.38
N LEU B 106 5.03 3.20 -21.56
CA LEU B 106 4.17 2.18 -20.95
C LEU B 106 3.60 1.32 -22.06
N LEU B 107 3.93 0.04 -22.02
CA LEU B 107 3.43 -0.92 -23.00
C LEU B 107 2.10 -1.48 -22.52
N PHE B 108 1.02 -0.73 -22.75
CA PHE B 108 -0.33 -1.16 -22.42
C PHE B 108 -0.67 -2.40 -23.24
N ALA B 109 -0.24 -2.39 -24.50
CA ALA B 109 -0.37 -3.52 -25.41
C ALA B 109 0.71 -3.38 -26.45
N PRO B 110 1.04 -4.46 -27.18
CA PRO B 110 2.08 -4.34 -28.20
C PRO B 110 1.78 -3.25 -29.23
N ASN B 111 0.50 -2.99 -29.50
CA ASN B 111 0.12 -1.94 -30.44
C ASN B 111 -0.32 -0.66 -29.73
N LEU B 112 -0.04 -0.58 -28.44
CA LEU B 112 -0.34 0.63 -27.68
C LEU B 112 0.80 0.90 -26.69
N LEU B 113 1.82 1.62 -27.17
CA LEU B 113 2.99 1.95 -26.38
C LEU B 113 3.03 3.47 -26.20
N LEU B 114 2.79 3.94 -24.98
CA LEU B 114 2.60 5.35 -24.72
C LEU B 114 3.68 5.97 -23.83
N ASP B 115 4.12 7.17 -24.18
CA ASP B 115 5.02 7.92 -23.31
C ASP B 115 4.21 8.92 -22.51
N ARG B 116 4.84 9.59 -21.54
CA ARG B 116 4.11 10.46 -20.59
C ARG B 116 3.37 11.60 -21.28
N ASN B 117 3.95 12.08 -22.38
CA ASN B 117 3.34 13.15 -23.13
C ASN B 117 2.03 12.71 -23.76
N GLN B 118 1.97 11.46 -24.19
CA GLN B 118 0.69 10.92 -24.67
C GLN B 118 -0.34 10.77 -23.56
N GLY B 119 0.14 10.57 -22.33
CA GLY B 119 -0.73 10.54 -21.16
C GLY B 119 -1.47 11.86 -20.92
N LYS B 120 -0.84 12.96 -21.33
CA LYS B 120 -1.42 14.31 -21.20
C LYS B 120 -2.69 14.52 -21.99
N CYS B 121 -3.01 13.59 -22.89
CA CYS B 121 -4.25 13.66 -23.68
C CYS B 121 -5.47 13.56 -22.77
N VAL B 122 -5.30 12.83 -21.68
CA VAL B 122 -6.38 12.63 -20.72
C VAL B 122 -6.06 13.45 -19.48
N GLU B 123 -6.98 14.30 -19.05
CA GLU B 123 -6.69 15.11 -17.86
C GLU B 123 -6.52 14.26 -16.58
N GLY B 124 -5.48 14.57 -15.80
CA GLY B 124 -5.14 13.81 -14.59
C GLY B 124 -4.37 12.53 -14.84
N MET B 125 -4.17 12.18 -16.11
CA MET B 125 -3.56 10.89 -16.42
C MET B 125 -2.06 10.91 -16.26
N VAL B 126 -1.42 12.00 -16.68
CA VAL B 126 0.04 12.08 -16.68
C VAL B 126 0.64 11.78 -15.30
N GLU B 127 -0.09 12.14 -14.25
CA GLU B 127 0.39 11.94 -12.88
C GLU B 127 0.48 10.45 -12.59
N ILE B 128 -0.54 9.72 -13.04
CA ILE B 128 -0.56 8.28 -12.93
C ILE B 128 0.51 7.65 -13.85
N PHE B 129 0.59 8.12 -15.09
CA PHE B 129 1.65 7.66 -15.97
C PHE B 129 2.99 7.77 -15.28
N ASP B 130 3.29 8.95 -14.72
CA ASP B 130 4.56 9.17 -14.05
C ASP B 130 4.85 8.19 -12.92
N MET B 131 3.84 7.84 -12.14
CA MET B 131 4.06 6.85 -11.10
C MET B 131 4.34 5.46 -11.66
N LEU B 132 3.66 5.12 -12.75
CA LEU B 132 3.84 3.83 -13.40
C LEU B 132 5.22 3.75 -14.02
N LEU B 133 5.64 4.83 -14.69
CA LEU B 133 6.99 4.90 -15.27
C LEU B 133 8.07 4.71 -14.19
N ALA B 134 7.97 5.45 -13.09
CA ALA B 134 8.94 5.30 -12.00
C ALA B 134 8.96 3.87 -11.42
N THR B 135 7.81 3.21 -11.41
CA THR B 135 7.77 1.83 -10.95
C THR B 135 8.51 0.92 -11.95
N SER B 136 8.26 1.15 -13.24
CA SER B 136 8.99 0.46 -14.31
C SER B 136 10.50 0.62 -14.15
N SER B 137 10.94 1.85 -13.88
CA SER B 137 12.37 2.15 -13.66
C SER B 137 12.95 1.39 -12.48
N ARG B 138 12.21 1.36 -11.38
CA ARG B 138 12.61 0.61 -10.20
C ARG B 138 12.75 -0.88 -10.52
N PHE B 139 11.80 -1.43 -11.27
CA PHE B 139 11.86 -2.82 -11.72
C PHE B 139 13.14 -3.06 -12.51
N ARG B 140 13.46 -2.13 -13.41
CA ARG B 140 14.67 -2.23 -14.20
C ARG B 140 15.93 -2.17 -13.33
N MET B 141 15.99 -1.19 -12.42
CA MET B 141 17.12 -1.05 -11.49
C MET B 141 17.38 -2.32 -10.70
N MET B 142 16.29 -2.92 -10.21
CA MET B 142 16.35 -4.12 -9.40
C MET B 142 16.58 -5.37 -10.24
N ASN B 143 16.42 -5.24 -11.56
CA ASN B 143 16.53 -6.37 -12.46
C ASN B 143 15.53 -7.46 -12.03
N LEU B 144 14.27 -7.06 -11.88
CA LEU B 144 13.17 -7.98 -11.54
C LEU B 144 13.08 -9.12 -12.53
N GLN B 145 12.98 -10.35 -12.02
CA GLN B 145 12.91 -11.55 -12.85
C GLN B 145 11.46 -12.03 -12.92
N GLY B 146 11.09 -12.66 -14.04
CA GLY B 146 9.71 -13.08 -14.26
C GLY B 146 9.17 -14.01 -13.18
N GLU B 147 10.05 -14.85 -12.64
CA GLU B 147 9.67 -15.73 -11.52
C GLU B 147 9.32 -14.92 -10.24
N GLU B 148 10.03 -13.81 -10.04
CA GLU B 148 9.73 -12.94 -8.90
C GLU B 148 8.46 -12.15 -9.17
N PHE B 149 8.32 -11.66 -10.41
CA PHE B 149 7.12 -10.93 -10.81
C PHE B 149 5.85 -11.76 -10.56
N VAL B 150 5.86 -13.03 -10.96
CA VAL B 150 4.62 -13.80 -10.83
C VAL B 150 4.27 -14.05 -9.35
N CYS B 151 5.29 -14.18 -8.52
CA CYS B 151 5.05 -14.33 -7.08
C CYS B 151 4.40 -13.06 -6.50
N LEU B 152 4.96 -11.92 -6.86
CA LEU B 152 4.47 -10.62 -6.39
C LEU B 152 3.03 -10.40 -6.84
N LYS B 153 2.75 -10.76 -8.08
CA LYS B 153 1.40 -10.52 -8.59
C LYS B 153 0.44 -11.39 -7.80
N SER B 154 0.89 -12.58 -7.40
CA SER B 154 0.04 -13.49 -6.62
C SER B 154 -0.11 -13.01 -5.17
N ILE B 155 0.93 -12.37 -4.64
CA ILE B 155 0.87 -11.81 -3.30
C ILE B 155 -0.19 -10.70 -3.25
N ILE B 156 -0.20 -9.87 -4.28
CA ILE B 156 -1.20 -8.80 -4.39
C ILE B 156 -2.62 -9.34 -4.40
N LEU B 157 -2.87 -10.36 -5.22
CA LEU B 157 -4.17 -11.01 -5.24
C LEU B 157 -4.63 -11.47 -3.85
N LEU B 158 -3.75 -12.18 -3.14
CA LEU B 158 -4.12 -12.77 -1.84
C LEU B 158 -4.15 -11.75 -0.68
N ASN B 159 -3.28 -10.76 -0.73
CA ASN B 159 -3.09 -9.84 0.39
C ASN B 159 -3.99 -8.60 0.37
N SER B 160 -4.12 -7.97 -0.79
CA SER B 160 -4.75 -6.67 -0.86
C SER B 160 -6.10 -6.63 -0.17
N GLY B 161 -6.92 -7.65 -0.42
CA GLY B 161 -8.25 -7.69 0.17
C GLY B 161 -8.39 -8.46 1.47
N VAL B 162 -7.28 -8.98 2.00
CA VAL B 162 -7.37 -9.95 3.09
C VAL B 162 -7.89 -9.40 4.43
N TYR B 163 -7.70 -8.10 4.67
CA TYR B 163 -8.22 -7.50 5.91
C TYR B 163 -9.58 -6.80 5.77
N THR B 164 -10.11 -6.72 4.56
CA THR B 164 -11.45 -6.17 4.37
C THR B 164 -12.50 -7.27 4.52
N PHE B 165 -12.06 -8.46 4.91
CA PHE B 165 -12.95 -9.52 5.37
C PHE B 165 -13.54 -9.05 6.70
N LEU B 166 -14.59 -9.70 7.17
CA LEU B 166 -14.96 -9.53 8.58
C LEU B 166 -14.68 -10.82 9.34
N SER B 167 -15.22 -10.94 10.55
CA SER B 167 -14.94 -12.11 11.38
C SER B 167 -16.19 -12.77 11.95
N SER B 168 -16.48 -13.96 11.43
CA SER B 168 -17.62 -14.75 11.86
C SER B 168 -17.10 -16.04 12.49
N THR B 169 -16.27 -15.89 13.52
CA THR B 169 -15.56 -17.01 14.16
C THR B 169 -14.81 -17.88 13.15
N LEU B 170 -14.81 -19.19 13.39
CA LEU B 170 -14.10 -20.15 12.55
C LEU B 170 -14.17 -19.83 11.05
N LYS B 171 -15.38 -19.52 10.57
CA LYS B 171 -15.65 -19.29 9.16
C LYS B 171 -14.71 -18.30 8.48
N SER B 172 -14.72 -17.05 8.94
CA SER B 172 -13.89 -16.00 8.35
C SER B 172 -12.43 -16.19 8.71
N LEU B 173 -12.19 -16.59 9.95
CA LEU B 173 -10.85 -16.79 10.49
C LEU B 173 -10.04 -17.82 9.71
N GLU B 174 -10.64 -18.96 9.41
CA GLU B 174 -9.90 -20.04 8.72
C GLU B 174 -9.63 -19.72 7.25
N GLU B 175 -10.47 -18.88 6.65
CA GLU B 175 -10.22 -18.38 5.30
C GLU B 175 -9.02 -17.45 5.34
N LYS B 176 -8.92 -16.71 6.44
CA LYS B 176 -7.81 -15.78 6.70
C LYS B 176 -6.52 -16.57 6.94
N ASP B 177 -6.58 -17.58 7.81
CA ASP B 177 -5.45 -18.47 8.06
C ASP B 177 -4.88 -19.05 6.78
N HIS B 178 -5.75 -19.67 6.00
CA HIS B 178 -5.39 -20.32 4.77
C HIS B 178 -4.63 -19.35 3.86
N ILE B 179 -5.21 -18.17 3.64
CA ILE B 179 -4.59 -17.14 2.83
C ILE B 179 -3.18 -16.81 3.32
N HIS B 180 -3.01 -16.73 4.63
CA HIS B 180 -1.71 -16.44 5.20
C HIS B 180 -0.73 -17.60 5.07
N ARG B 181 -1.25 -18.83 5.18
CA ARG B 181 -0.41 -19.99 4.90
C ARG B 181 0.14 -19.92 3.49
N VAL B 182 -0.73 -19.56 2.54
CA VAL B 182 -0.36 -19.50 1.13
C VAL B 182 0.62 -18.38 0.88
N LEU B 183 0.34 -17.22 1.47
CA LEU B 183 1.28 -16.08 1.39
C LEU B 183 2.67 -16.50 1.91
N ASP B 184 2.68 -17.20 3.05
CA ASP B 184 3.93 -17.69 3.63
C ASP B 184 4.67 -18.62 2.67
N LYS B 185 3.91 -19.42 1.93
CA LYS B 185 4.48 -20.27 0.91
C LYS B 185 5.13 -19.47 -0.21
N ILE B 186 4.52 -18.35 -0.61
CA ILE B 186 5.09 -17.55 -1.68
C ILE B 186 6.37 -16.85 -1.20
N THR B 187 6.38 -16.43 0.06
CA THR B 187 7.61 -15.92 0.67
C THR B 187 8.74 -16.97 0.55
N ASP B 188 8.45 -18.20 0.98
CA ASP B 188 9.43 -19.29 0.93
C ASP B 188 9.94 -19.46 -0.50
N THR B 189 9.04 -19.28 -1.45
CA THR B 189 9.35 -19.43 -2.87
C THR B 189 10.23 -18.29 -3.37
N LEU B 190 9.89 -17.07 -2.98
CA LEU B 190 10.71 -15.91 -3.32
C LEU B 190 12.14 -16.10 -2.81
N ILE B 191 12.26 -16.41 -1.51
CA ILE B 191 13.57 -16.66 -0.93
C ILE B 191 14.34 -17.74 -1.70
N HIS B 192 13.65 -18.83 -2.01
CA HIS B 192 14.22 -19.95 -2.78
C HIS B 192 14.81 -19.50 -4.11
N LEU B 193 14.12 -18.61 -4.80
CA LEU B 193 14.55 -18.12 -6.10
C LEU B 193 15.82 -17.29 -5.96
N MET B 194 15.86 -16.46 -4.94
CA MET B 194 17.02 -15.60 -4.70
C MET B 194 18.23 -16.40 -4.24
N ALA B 195 18.01 -17.47 -3.49
CA ALA B 195 19.10 -18.38 -3.10
C ALA B 195 19.64 -19.14 -4.32
N LYS B 196 18.73 -19.64 -5.15
CA LYS B 196 19.11 -20.37 -6.34
C LYS B 196 19.86 -19.43 -7.29
N ALA B 197 19.55 -18.14 -7.19
CA ALA B 197 20.21 -17.10 -7.96
C ALA B 197 21.55 -16.71 -7.35
N GLY B 198 21.89 -17.33 -6.21
CA GLY B 198 23.16 -17.11 -5.58
C GLY B 198 23.28 -15.87 -4.70
N LEU B 199 22.16 -15.21 -4.41
CA LEU B 199 22.22 -14.08 -3.47
C LEU B 199 22.59 -14.58 -2.08
N THR B 200 23.37 -13.79 -1.34
CA THR B 200 23.74 -14.15 0.03
C THR B 200 22.53 -14.15 0.96
N LEU B 201 22.68 -14.70 2.16
CA LEU B 201 21.57 -14.69 3.12
C LEU B 201 21.07 -13.24 3.39
N GLN B 202 22.01 -12.33 3.63
CA GLN B 202 21.72 -10.90 3.85
C GLN B 202 21.00 -10.25 2.65
N GLN B 203 21.51 -10.50 1.45
CA GLN B 203 20.91 -10.01 0.21
C GLN B 203 19.49 -10.55 0.00
N GLN B 204 19.28 -11.80 0.40
CA GLN B 204 17.96 -12.41 0.28
C GLN B 204 16.92 -11.64 1.05
N HIS B 205 17.18 -11.34 2.32
CA HIS B 205 16.19 -10.60 3.09
C HIS B 205 16.09 -9.17 2.62
N GLN B 206 17.21 -8.60 2.21
CA GLN B 206 17.19 -7.22 1.74
C GLN B 206 16.34 -7.12 0.46
N ARG B 207 16.53 -8.05 -0.45
CA ARG B 207 15.77 -8.00 -1.71
C ARG B 207 14.31 -8.30 -1.48
N LEU B 208 14.04 -9.25 -0.58
CA LEU B 208 12.66 -9.60 -0.25
C LEU B 208 11.91 -8.34 0.18
N ALA B 209 12.55 -7.56 1.05
CA ALA B 209 11.98 -6.29 1.51
C ALA B 209 11.82 -5.26 0.38
N GLN B 210 12.86 -5.07 -0.44
CA GLN B 210 12.77 -4.12 -1.56
C GLN B 210 11.58 -4.43 -2.47
N LEU B 211 11.34 -5.72 -2.73
CA LEU B 211 10.27 -6.14 -3.61
C LEU B 211 8.90 -5.92 -2.97
N LEU B 212 8.78 -6.22 -1.69
CA LEU B 212 7.49 -6.07 -1.02
C LEU B 212 7.11 -4.62 -0.78
N LEU B 213 8.11 -3.76 -0.57
CA LEU B 213 7.87 -2.33 -0.43
C LEU B 213 7.32 -1.69 -1.71
N ILE B 214 7.65 -2.26 -2.86
CA ILE B 214 7.06 -1.85 -4.14
C ILE B 214 5.54 -1.99 -4.13
N LEU B 215 5.05 -3.03 -3.48
CA LEU B 215 3.62 -3.25 -3.39
C LEU B 215 2.88 -2.08 -2.74
N SER B 216 3.54 -1.40 -1.80
CA SER B 216 2.92 -0.24 -1.18
C SER B 216 2.73 0.84 -2.24
N HIS B 217 3.71 0.96 -3.14
CA HIS B 217 3.59 1.91 -4.24
C HIS B 217 2.53 1.53 -5.27
N ILE B 218 2.37 0.24 -5.50
CA ILE B 218 1.36 -0.27 -6.44
C ILE B 218 -0.05 -0.05 -5.87
N ARG B 219 -0.20 -0.31 -4.58
CA ARG B 219 -1.45 0.08 -3.92
C ARG B 219 -1.75 1.56 -4.13
N HIS B 220 -0.76 2.42 -3.88
CA HIS B 220 -0.96 3.85 -4.04
C HIS B 220 -1.45 4.16 -5.46
N MET B 221 -0.77 3.59 -6.44
CA MET B 221 -1.10 3.80 -7.86
C MET B 221 -2.51 3.31 -8.22
N SER B 222 -2.89 2.17 -7.68
CA SER B 222 -4.24 1.67 -7.84
C SER B 222 -5.31 2.60 -7.21
N ASN B 223 -5.06 3.05 -5.98
CA ASN B 223 -5.94 4.02 -5.33
C ASN B 223 -6.18 5.28 -6.17
N LYS B 224 -5.09 5.81 -6.73
CA LYS B 224 -5.15 7.04 -7.52
C LYS B 224 -5.79 6.80 -8.90
N GLY B 225 -5.46 5.67 -9.51
CA GLY B 225 -6.10 5.30 -10.79
C GLY B 225 -7.61 5.04 -10.64
N MET B 226 -8.00 4.51 -9.48
CA MET B 226 -9.42 4.25 -9.22
C MET B 226 -10.18 5.57 -9.06
N GLU B 227 -9.56 6.50 -8.32
CA GLU B 227 -10.08 7.86 -8.23
C GLU B 227 -10.21 8.46 -9.64
N HIS B 228 -9.17 8.28 -10.45
CA HIS B 228 -9.13 8.88 -11.78
C HIS B 228 -10.18 8.27 -12.72
N LEU B 229 -10.34 6.95 -12.61
CA LEU B 229 -11.32 6.23 -13.39
C LEU B 229 -12.73 6.64 -12.97
N TYR B 230 -12.93 6.81 -11.67
CA TYR B 230 -14.21 7.28 -11.15
C TYR B 230 -14.56 8.63 -11.73
N SER B 231 -13.57 9.51 -11.78
CA SER B 231 -13.73 10.85 -12.34
C SER B 231 -14.14 10.84 -13.83
N MET B 232 -13.49 9.99 -14.61
CA MET B 232 -13.82 9.85 -16.02
C MET B 232 -15.25 9.32 -16.17
N LYS B 233 -15.61 8.38 -15.32
CA LYS B 233 -16.97 7.86 -15.32
C LYS B 233 -17.98 8.96 -14.99
N CYS B 234 -17.68 9.73 -13.94
CA CYS B 234 -18.62 10.76 -13.48
C CYS B 234 -18.72 11.95 -14.44
N LYS B 235 -17.77 12.04 -15.36
CA LYS B 235 -17.74 13.09 -16.35
C LYS B 235 -18.19 12.60 -17.72
N ASN B 236 -18.67 11.36 -17.80
CA ASN B 236 -19.19 10.80 -19.05
C ASN B 236 -18.13 10.90 -20.17
N VAL B 237 -16.89 10.63 -19.80
CA VAL B 237 -15.82 10.69 -20.75
C VAL B 237 -15.88 9.42 -21.60
N VAL B 238 -16.26 8.32 -20.95
CA VAL B 238 -16.11 7.00 -21.55
C VAL B 238 -17.14 6.05 -20.99
N PRO B 239 -17.74 5.20 -21.85
CA PRO B 239 -18.67 4.22 -21.33
C PRO B 239 -17.92 3.01 -20.75
N LEU B 240 -18.20 2.66 -19.51
CA LEU B 240 -17.58 1.50 -18.91
C LEU B 240 -18.49 0.30 -19.09
N SER B 241 -17.89 -0.87 -19.31
CA SER B 241 -18.63 -2.11 -19.39
C SER B 241 -19.26 -2.39 -18.04
N ASP B 242 -20.31 -3.21 -17.99
CA ASP B 242 -20.91 -3.54 -16.71
C ASP B 242 -19.86 -4.16 -15.77
N LEU B 243 -18.99 -4.99 -16.31
CA LEU B 243 -17.95 -5.59 -15.46
C LEU B 243 -17.09 -4.53 -14.80
N LEU B 244 -16.59 -3.60 -15.60
CA LEU B 244 -15.70 -2.57 -15.09
C LEU B 244 -16.45 -1.68 -14.12
N LEU B 245 -17.71 -1.38 -14.43
CA LEU B 245 -18.56 -0.63 -13.52
C LEU B 245 -18.68 -1.32 -12.17
N GLU B 246 -18.89 -2.63 -12.21
CA GLU B 246 -19.03 -3.38 -10.97
C GLU B 246 -17.72 -3.37 -10.17
N MET B 247 -16.61 -3.62 -10.87
CA MET B 247 -15.26 -3.61 -10.26
C MET B 247 -14.92 -2.26 -9.63
N LEU B 248 -15.31 -1.19 -10.31
CA LEU B 248 -15.08 0.18 -9.82
C LEU B 248 -15.97 0.47 -8.61
N ASP B 249 -17.25 0.13 -8.73
CA ASP B 249 -18.23 0.39 -7.67
C ASP B 249 -17.90 -0.33 -6.36
N ALA B 250 -17.10 -1.39 -6.42
CA ALA B 250 -16.70 -2.13 -5.21
C ALA B 250 -15.80 -1.27 -4.32
N HIS B 251 -15.27 -0.20 -4.90
CA HIS B 251 -14.41 0.74 -4.20
C HIS B 251 -15.16 1.97 -3.69
N ARG B 252 -16.47 1.98 -3.88
CA ARG B 252 -17.31 3.04 -3.31
C ARG B 252 -18.35 2.46 -2.37
N LEU B 253 -18.05 1.29 -1.81
CA LEU B 253 -18.97 0.65 -0.87
C LEU B 253 -18.39 -0.67 -0.35
N LYS C 1 5.67 29.81 -1.31
CA LYS C 1 7.13 29.86 -1.06
C LYS C 1 7.45 29.57 0.41
N HIS C 2 6.47 29.81 1.27
CA HIS C 2 6.67 29.71 2.70
C HIS C 2 5.80 28.64 3.34
N LYS C 3 6.05 27.39 2.96
CA LYS C 3 5.36 26.27 3.56
C LYS C 3 5.77 26.14 5.02
N ILE C 4 4.81 25.82 5.88
CA ILE C 4 5.05 25.65 7.30
C ILE C 4 5.99 24.48 7.55
N LEU C 5 5.79 23.40 6.81
CA LEU C 5 6.61 22.21 6.97
C LEU C 5 8.08 22.57 6.75
N HIS C 6 8.34 23.36 5.72
CA HIS C 6 9.70 23.83 5.45
C HIS C 6 10.37 24.43 6.67
N ARG C 7 9.71 25.41 7.28
CA ARG C 7 10.33 26.12 8.40
C ARG C 7 10.40 25.27 9.68
N LEU C 8 9.43 24.37 9.86
CA LEU C 8 9.45 23.42 10.99
C LEU C 8 10.63 22.46 10.90
N LEU C 9 10.91 21.99 9.69
CA LEU C 9 12.05 21.12 9.43
C LEU C 9 13.36 21.83 9.71
N GLN C 10 13.52 23.06 9.24
CA GLN C 10 14.79 23.73 9.46
C GLN C 10 14.89 24.44 10.80
N ASP C 11 14.83 23.66 11.87
CA ASP C 11 14.97 24.17 13.23
C ASP C 11 16.01 23.37 14.01
N LYS D 3 -24.49 -10.05 -10.43
CA LYS D 3 -23.04 -9.67 -10.39
C LYS D 3 -22.19 -10.46 -11.40
N ILE D 4 -21.57 -9.71 -12.30
CA ILE D 4 -20.84 -10.28 -13.41
C ILE D 4 -19.61 -11.04 -12.96
N LEU D 5 -18.86 -10.43 -12.04
CA LEU D 5 -17.66 -11.05 -11.49
C LEU D 5 -17.98 -12.42 -10.89
N HIS D 6 -19.07 -12.47 -10.12
CA HIS D 6 -19.55 -13.70 -9.52
C HIS D 6 -19.80 -14.79 -10.57
N ARG D 7 -20.48 -14.45 -11.66
CA ARG D 7 -20.79 -15.44 -12.69
C ARG D 7 -19.52 -15.94 -13.38
N LEU D 8 -18.62 -15.01 -13.69
CA LEU D 8 -17.38 -15.33 -14.38
C LEU D 8 -16.51 -16.31 -13.57
N LEU D 9 -16.49 -16.13 -12.25
CA LEU D 9 -15.73 -17.03 -11.41
C LEU D 9 -16.31 -18.44 -11.42
N GLN D 10 -17.62 -18.54 -11.57
CA GLN D 10 -18.31 -19.83 -11.56
C GLN D 10 -17.98 -20.74 -12.77
N ASP D 11 -17.52 -20.15 -13.87
CA ASP D 11 -17.22 -20.92 -15.07
C ASP D 11 -16.20 -22.04 -14.85
CAA EI1 E . -5.88 13.70 10.14
CAK EI1 E . -6.75 13.35 11.36
CAP EI1 E . -7.36 11.94 11.22
CAR EI1 E . -8.40 11.62 10.37
CAJ EI1 E . -9.16 12.35 9.47
CAN EI1 E . -10.17 11.71 8.74
OAC EI1 E . -10.92 12.44 7.85
CAH EI1 E . -10.40 10.35 8.93
CAI EI1 E . -9.64 9.61 9.84
CAQ EI1 E . -8.63 10.27 10.57
NAL EI1 E . -7.75 9.85 11.49
NAS EI1 E . -7.03 10.79 11.86
CAO EI1 E . -6.07 10.65 12.79
CAF EI1 E . -5.89 11.55 13.83
CAD EI1 E . -4.89 11.35 14.78
CAM EI1 E . -4.07 10.22 14.69
OAB EI1 E . -3.18 10.02 15.52
CAE EI1 E . -4.26 9.31 13.66
CAG EI1 E . -5.26 9.51 12.73
CAA EI1 F . -8.29 0.02 -15.63
CAK EI1 F . -7.94 0.72 -16.92
CAP EI1 F . -6.74 1.64 -16.66
CAR EI1 F . -6.84 2.95 -16.22
CAJ EI1 F . -7.91 3.81 -15.86
CAN EI1 F . -7.64 5.11 -15.44
OAC EI1 F . -8.65 5.95 -15.10
CAH EI1 F . -6.32 5.55 -15.36
CAI EI1 F . -5.26 4.69 -15.72
CAQ EI1 F . -5.53 3.40 -16.15
NAL EI1 F . -4.74 2.37 -16.54
NAS EI1 F . -5.44 1.39 -16.84
CAO EI1 F . -4.94 0.19 -17.26
CAF EI1 F . -5.54 -0.53 -18.28
CAD EI1 F . -5.04 -1.79 -18.68
CAM EI1 F . -3.91 -2.31 -18.06
OAB EI1 F . -3.45 -3.39 -18.41
CAE EI1 F . -3.30 -1.58 -17.03
CAG EI1 F . -3.82 -0.35 -16.63
#